data_7FMZ
#
_entry.id   7FMZ
#
_cell.length_a   88.986
_cell.length_b   82.327
_cell.length_c   93.645
_cell.angle_alpha   90
_cell.angle_beta   108.06
_cell.angle_gamma   90
#
_symmetry.space_group_name_H-M   'C 1 2 1'
#
loop_
_entity.id
_entity.type
_entity.pdbx_description
1 polymer 'Pre-mRNA-splicing factor 8'
2 polymer 'A1 cistron-splicing factor AAR2'
3 non-polymer 'methyl [4-(1,3-thiazol-2-yl)piperazin-1-yl]acetate'
4 water water
#
loop_
_entity_poly.entity_id
_entity_poly.type
_entity_poly.pdbx_seq_one_letter_code
_entity_poly.pdbx_strand_id
1 'polypeptide(L)'
;GAMNSSNYAELFNNDIKLFVDDTNVYRVTVHKTFEGNVATKAINGCIFTLNPKTGHLFLKIIHTSVWAGQKRLSQLAKWK
TAEEVSALVRSLPKEEQPKQIIVTRKAMLDPLEVHMLDFPNIAIRPTELRLPFSAAMSIDKLSDVVMKATEPQMVLFNIY
DDWLDRISSYTAFSRLTLLLRALKTNEESAKMILLSDPTITIKSYHLWPSFTDEQWITIESQMRDLILTEYGRKYNVNIS
ALTQTEIKDIILGQNIKA
;
A
2 'polypeptide(L)'
;GAMAMNTVPFTSAPIEVTIGIDQYSFNVKENQPFHGIKDIPIGHVHVIHFQHADNSSMRYGYWFDCRMGNFYIQYDPKDG
LYKMMEERDGAKFENIVHNFKERQMMVSYPKIDEDDTWYNLTEFVQMDKIRKIVRKDENQFSYVDSSMTTVQENELSSSS
SDPAHSLNYTVINFKSREAIRPGHEMEDFLDKSYYLNTVMLQGIFKNSSNYFGELQFAFLNAMFFGNYGSSLQWHAMIEL
ICSSATVPKHMLDKLDEILYYQIKTLPEQYSDILLNERVWNICLYSSFQKNSLHNTEKIMENKYPELL
;
B
#
loop_
_chem_comp.id
_chem_comp.type
_chem_comp.name
_chem_comp.formula
WBX non-polymer 'methyl [4-(1,3-thiazol-2-yl)piperazin-1-yl]acetate' 'C10 H15 N3 O2 S'
#
# COMPACT_ATOMS: atom_id res chain seq x y z
N GLY A 1 -9.57 8.36 10.02
CA GLY A 1 -8.19 8.75 10.24
C GLY A 1 -7.74 8.57 11.67
N ALA A 2 -6.75 9.36 12.07
CA ALA A 2 -6.17 9.18 13.40
C ALA A 2 -7.09 9.71 14.50
N MET A 3 -6.90 9.15 15.69
CA MET A 3 -7.65 9.51 16.88
C MET A 3 -6.74 10.36 17.76
N ASN A 4 -7.19 11.55 18.14
CA ASN A 4 -6.33 12.49 18.85
C ASN A 4 -7.19 13.36 19.79
N SER A 5 -6.58 14.42 20.34
CA SER A 5 -7.25 15.23 21.34
C SER A 5 -8.45 15.96 20.76
N SER A 6 -8.42 16.29 19.47
CA SER A 6 -9.50 17.06 18.87
C SER A 6 -10.79 16.26 18.87
N ASN A 7 -10.71 14.96 18.63
CA ASN A 7 -11.89 14.12 18.53
C ASN A 7 -11.93 13.12 19.68
N TYR A 8 -11.85 13.61 20.91
CA TYR A 8 -11.72 12.72 22.07
C TYR A 8 -13.09 12.23 22.57
N ALA A 9 -14.09 13.10 22.58
CA ALA A 9 -15.43 12.71 22.95
C ALA A 9 -16.00 11.66 22.02
N GLU A 10 -15.39 11.39 20.87
CA GLU A 10 -15.95 10.36 20.01
C GLU A 10 -15.90 8.97 20.69
N LEU A 11 -14.94 8.78 21.59
CA LEU A 11 -14.84 7.52 22.30
C LEU A 11 -16.08 7.18 23.12
N PHE A 12 -16.85 8.15 23.54
CA PHE A 12 -18.00 7.92 24.41
C PHE A 12 -19.35 8.11 23.73
N ASN A 13 -19.37 8.17 22.40
CA ASN A 13 -20.62 8.24 21.65
C ASN A 13 -21.18 6.82 21.55
N ASN A 14 -22.32 6.67 20.87
CA ASN A 14 -23.00 5.39 20.86
C ASN A 14 -22.60 4.46 19.69
N ASP A 15 -21.50 4.70 19.02
CA ASP A 15 -20.99 3.77 18.02
C ASP A 15 -20.05 2.79 18.73
N ILE A 16 -20.33 1.49 18.66
CA ILE A 16 -19.47 0.52 19.32
C ILE A 16 -18.09 0.69 18.75
N LYS A 17 -17.09 0.83 19.61
CA LYS A 17 -15.66 0.74 19.24
C LYS A 17 -14.81 -0.02 20.27
N LEU A 18 -13.65 -0.48 19.80
CA LEU A 18 -12.69 -1.15 20.67
C LEU A 18 -11.28 -0.61 20.47
N PHE A 19 -10.61 -0.35 21.58
CA PHE A 19 -9.17 -0.17 21.59
C PHE A 19 -8.49 -1.54 21.57
N VAL A 20 -7.48 -1.69 20.71
CA VAL A 20 -6.64 -2.90 20.79
C VAL A 20 -5.23 -2.47 21.14
N ASP A 21 -4.67 -3.01 22.24
CA ASP A 21 -3.23 -2.89 22.57
C ASP A 21 -2.48 -4.21 22.52
N ASP A 22 -1.35 -4.24 21.84
CA ASP A 22 -0.58 -5.46 21.72
C ASP A 22 0.73 -5.42 22.48
N THR A 23 0.96 -4.38 23.29
N THR A 23 0.95 -4.45 23.38
CA THR A 23 2.24 -4.23 23.94
CA THR A 23 2.28 -4.24 23.95
C THR A 23 2.64 -5.50 24.66
C THR A 23 2.67 -5.37 24.89
N ASN A 24 1.70 -6.11 25.40
CA ASN A 24 1.97 -7.26 26.29
C ASN A 24 1.72 -8.63 25.68
N VAL A 25 1.61 -8.71 24.36
CA VAL A 25 1.38 -10.00 23.73
C VAL A 25 2.63 -10.89 23.78
N TYR A 26 3.79 -10.34 23.39
CA TYR A 26 5.04 -11.11 23.34
C TYR A 26 5.92 -10.53 24.44
N ARG A 27 6.13 -11.31 25.50
CA ARG A 27 6.90 -10.84 26.65
C ARG A 27 8.04 -11.82 26.86
N VAL A 28 9.22 -11.30 27.18
CA VAL A 28 10.36 -12.18 27.49
C VAL A 28 11.17 -11.70 28.70
N THR A 29 11.94 -12.60 29.26
CA THR A 29 13.06 -12.23 30.11
C THR A 29 14.33 -12.56 29.34
N VAL A 30 15.35 -11.73 29.45
CA VAL A 30 16.63 -11.99 28.81
C VAL A 30 17.61 -12.49 29.88
N HIS A 31 18.40 -13.51 29.53
CA HIS A 31 19.34 -14.07 30.49
C HIS A 31 20.60 -14.56 29.81
N LYS A 32 21.63 -14.79 30.61
CA LYS A 32 22.86 -15.40 30.13
C LYS A 32 22.80 -16.93 30.11
N THR A 33 23.41 -17.52 29.08
CA THR A 33 23.49 -18.97 28.97
C THR A 33 24.78 -19.46 29.63
N PHE A 34 24.90 -20.77 29.81
CA PHE A 34 26.09 -21.27 30.48
C PHE A 34 27.37 -20.87 29.75
N GLU A 35 27.31 -20.83 28.42
CA GLU A 35 28.45 -20.39 27.61
C GLU A 35 28.62 -18.89 27.60
N GLY A 36 27.86 -18.15 28.42
CA GLY A 36 28.00 -16.70 28.48
C GLY A 36 27.37 -15.94 27.33
N ASN A 37 26.53 -16.58 26.51
CA ASN A 37 25.77 -15.88 25.50
C ASN A 37 24.47 -15.38 26.11
N VAL A 38 23.66 -14.67 25.33
CA VAL A 38 22.37 -14.22 25.82
C VAL A 38 21.26 -15.00 25.14
N ALA A 39 20.21 -15.24 25.89
CA ALA A 39 19.03 -15.93 25.40
C ALA A 39 17.80 -15.31 26.02
N THR A 40 16.65 -15.45 25.33
CA THR A 40 15.36 -15.05 25.87
C THR A 40 14.55 -16.26 26.29
N LYS A 41 13.72 -16.07 27.30
CA LYS A 41 12.71 -17.03 27.68
C LYS A 41 11.38 -16.29 27.67
N ALA A 42 10.42 -16.76 26.88
CA ALA A 42 9.11 -16.10 26.80
C ALA A 42 8.30 -16.38 28.05
N ILE A 43 7.38 -15.47 28.39
CA ILE A 43 6.41 -15.70 29.45
C ILE A 43 5.05 -15.39 28.89
N ASN A 44 4.03 -15.77 29.62
CA ASN A 44 2.68 -15.64 29.10
C ASN A 44 2.40 -14.19 28.82
N GLY A 45 1.51 -13.96 27.86
CA GLY A 45 1.17 -12.60 27.45
C GLY A 45 -0.34 -12.38 27.38
N CYS A 46 -0.78 -11.20 26.86
CA CYS A 46 -2.20 -10.97 26.66
C CYS A 46 -2.39 -9.78 25.72
N ILE A 47 -3.47 -9.91 24.93
CA ILE A 47 -4.04 -8.82 24.13
C ILE A 47 -5.02 -8.14 25.01
N PHE A 48 -4.96 -6.79 25.02
CA PHE A 48 -5.78 -5.88 25.83
C PHE A 48 -6.75 -5.23 24.83
N THR A 49 -8.02 -5.71 24.76
CA THR A 49 -9.05 -5.17 23.86
C THR A 49 -10.16 -4.56 24.70
N LEU A 50 -10.33 -3.24 24.63
CA LEU A 50 -11.22 -2.54 25.58
C LEU A 50 -12.34 -1.74 24.90
N ASN A 51 -13.58 -1.89 25.38
CA ASN A 51 -14.65 -0.99 24.94
C ASN A 51 -14.61 0.21 25.88
N PRO A 52 -14.29 1.44 25.40
CA PRO A 52 -14.08 2.56 26.31
C PRO A 52 -15.37 3.13 26.83
N LYS A 53 -16.50 2.89 26.13
CA LYS A 53 -17.84 3.30 26.58
C LYS A 53 -18.37 2.46 27.75
N THR A 54 -18.25 1.13 27.68
CA THR A 54 -18.83 0.22 28.63
C THR A 54 -17.86 -0.27 29.67
N GLY A 55 -16.56 -0.32 29.32
CA GLY A 55 -15.58 -0.80 30.24
C GLY A 55 -15.30 -2.25 30.06
N HIS A 56 -15.95 -2.88 29.10
CA HIS A 56 -15.73 -4.30 28.86
C HIS A 56 -14.36 -4.52 28.25
N LEU A 57 -13.67 -5.48 28.85
CA LEU A 57 -12.29 -5.80 28.57
C LEU A 57 -12.30 -7.26 28.18
N PHE A 58 -11.90 -7.53 26.96
CA PHE A 58 -11.74 -8.88 26.43
C PHE A 58 -10.24 -9.18 26.50
N LEU A 59 -9.80 -9.96 27.52
CA LEU A 59 -8.39 -10.20 27.77
C LEU A 59 -8.06 -11.57 27.20
N LYS A 60 -7.49 -11.60 26.01
CA LYS A 60 -7.00 -12.86 25.45
C LYS A 60 -5.60 -13.20 25.95
N ILE A 61 -5.48 -14.32 26.66
CA ILE A 61 -4.20 -14.73 27.21
C ILE A 61 -3.45 -15.52 26.15
N ILE A 62 -2.18 -15.21 26.03
CA ILE A 62 -1.28 -15.69 24.99
C ILE A 62 -0.30 -16.59 25.74
N HIS A 63 -0.53 -17.88 25.63
CA HIS A 63 0.27 -18.84 26.33
C HIS A 63 1.57 -19.01 25.54
N THR A 64 2.64 -19.30 26.24
CA THR A 64 3.96 -19.35 25.58
C THR A 64 4.09 -20.44 24.53
N SER A 65 3.25 -21.48 24.59
CA SER A 65 3.30 -22.54 23.58
C SER A 65 3.03 -22.03 22.16
N VAL A 66 2.36 -20.90 22.01
N VAL A 66 2.34 -20.91 22.05
CA VAL A 66 2.07 -20.39 20.68
CA VAL A 66 2.06 -20.29 20.76
C VAL A 66 3.33 -19.93 19.97
C VAL A 66 3.35 -20.04 19.99
N TRP A 67 4.41 -19.70 20.72
CA TRP A 67 5.65 -19.25 20.13
C TRP A 67 6.55 -20.41 19.80
N ALA A 68 6.18 -21.65 20.13
CA ALA A 68 7.15 -22.75 20.05
C ALA A 68 7.50 -23.02 18.59
N GLY A 69 8.78 -23.03 18.28
CA GLY A 69 9.23 -23.37 16.92
C GLY A 69 9.02 -22.30 15.88
N GLN A 70 8.60 -21.13 16.30
CA GLN A 70 8.36 -20.01 15.41
C GLN A 70 9.58 -19.11 15.35
N LYS A 71 9.71 -18.39 14.24
CA LYS A 71 10.75 -17.39 14.04
C LYS A 71 10.16 -15.98 13.98
N ARG A 72 11.03 -14.99 14.14
CA ARG A 72 10.70 -13.55 14.06
C ARG A 72 9.49 -13.23 14.93
N LEU A 73 9.60 -13.63 16.21
CA LEU A 73 8.44 -13.56 17.08
C LEU A 73 7.85 -12.15 17.20
N SER A 74 8.64 -11.10 17.34
CA SER A 74 7.98 -9.79 17.42
C SER A 74 7.09 -9.47 16.21
N GLN A 75 7.45 -9.91 15.01
CA GLN A 75 6.57 -9.71 13.88
C GLN A 75 5.38 -10.65 13.94
N LEU A 76 5.60 -11.86 14.41
CA LEU A 76 4.48 -12.79 14.43
C LEU A 76 3.46 -12.32 15.44
N ALA A 77 3.94 -11.80 16.57
CA ALA A 77 3.05 -11.31 17.61
C ALA A 77 2.01 -10.34 17.07
N LYS A 78 2.38 -9.43 16.18
CA LYS A 78 1.36 -8.52 15.64
C LYS A 78 0.27 -9.26 14.86
N TRP A 79 0.65 -10.19 13.98
CA TRP A 79 -0.27 -11.01 13.18
C TRP A 79 -1.15 -11.92 14.03
N LYS A 80 -0.59 -12.57 15.03
CA LYS A 80 -1.36 -13.32 16.04
C LYS A 80 -2.40 -12.47 16.77
N THR A 81 -2.04 -11.22 17.14
CA THR A 81 -3.00 -10.26 17.70
C THR A 81 -4.13 -9.99 16.73
N ALA A 82 -3.79 -9.68 15.48
CA ALA A 82 -4.81 -9.43 14.51
C ALA A 82 -5.68 -10.67 14.29
N GLU A 83 -5.08 -11.88 14.28
CA GLU A 83 -5.85 -13.11 14.11
C GLU A 83 -6.84 -13.28 15.26
N GLU A 84 -6.38 -13.04 16.49
CA GLU A 84 -7.27 -13.16 17.64
C GLU A 84 -8.35 -12.07 17.69
N VAL A 85 -8.03 -10.82 17.40
CA VAL A 85 -9.08 -9.79 17.34
C VAL A 85 -10.11 -10.13 16.27
N SER A 86 -9.68 -10.54 15.07
N SER A 86 -9.65 -10.52 15.08
CA SER A 86 -10.70 -10.88 14.07
CA SER A 86 -10.59 -10.92 14.04
C SER A 86 -11.55 -12.08 14.49
C SER A 86 -11.51 -12.06 14.48
N ALA A 87 -10.95 -13.07 15.16
CA ALA A 87 -11.76 -14.17 15.66
C ALA A 87 -12.79 -13.69 16.67
N LEU A 88 -12.41 -12.79 17.56
CA LEU A 88 -13.38 -12.19 18.52
C LEU A 88 -14.54 -11.51 17.83
N VAL A 89 -14.24 -10.57 16.93
CA VAL A 89 -15.30 -9.92 16.21
C VAL A 89 -16.26 -10.93 15.60
N ARG A 90 -15.72 -11.98 14.96
CA ARG A 90 -16.58 -12.93 14.25
C ARG A 90 -17.47 -13.72 15.23
N SER A 91 -17.01 -13.89 16.46
CA SER A 91 -17.78 -14.56 17.51
C SER A 91 -18.88 -13.68 18.09
N LEU A 92 -18.82 -12.39 17.92
CA LEU A 92 -19.87 -11.54 18.48
C LEU A 92 -21.08 -11.51 17.52
N PRO A 93 -22.28 -11.45 18.06
CA PRO A 93 -23.44 -11.15 17.21
C PRO A 93 -23.22 -9.84 16.45
N LYS A 94 -23.87 -9.76 15.29
CA LYS A 94 -23.66 -8.63 14.38
C LYS A 94 -23.92 -7.31 15.07
N GLU A 95 -25.02 -7.18 15.81
CA GLU A 95 -25.29 -5.91 16.51
C GLU A 95 -24.28 -5.62 17.64
N GLU A 96 -23.46 -6.60 18.03
CA GLU A 96 -22.41 -6.38 19.00
C GLU A 96 -21.07 -6.08 18.36
N GLN A 97 -20.89 -6.27 17.06
CA GLN A 97 -19.57 -6.04 16.46
C GLN A 97 -19.23 -4.55 16.41
N PRO A 98 -17.95 -4.20 16.52
CA PRO A 98 -17.57 -2.78 16.55
C PRO A 98 -17.71 -2.20 15.17
N LYS A 99 -17.93 -0.89 15.12
N LYS A 99 -17.93 -0.88 15.13
CA LYS A 99 -17.83 -0.14 13.87
CA LYS A 99 -17.85 -0.14 13.89
C LYS A 99 -16.46 0.43 13.63
C LYS A 99 -16.44 0.40 13.63
N GLN A 100 -15.68 0.65 14.69
CA GLN A 100 -14.29 1.03 14.61
C GLN A 100 -13.46 0.19 15.57
N ILE A 101 -12.21 -0.11 15.16
CA ILE A 101 -11.15 -0.60 16.03
C ILE A 101 -9.96 0.33 15.95
N ILE A 102 -9.58 0.86 17.08
CA ILE A 102 -8.46 1.78 17.24
C ILE A 102 -7.26 1.05 17.82
N VAL A 103 -6.15 1.03 17.10
CA VAL A 103 -4.97 0.32 17.61
C VAL A 103 -4.03 1.31 18.29
N THR A 104 -3.42 0.91 19.37
CA THR A 104 -2.53 1.83 20.08
C THR A 104 -1.16 1.97 19.46
N ARG A 105 -0.79 1.13 18.51
CA ARG A 105 0.51 1.27 17.84
C ARG A 105 0.33 1.08 16.35
N LYS A 106 1.00 1.91 15.53
CA LYS A 106 0.76 1.91 14.09
C LYS A 106 1.20 0.63 13.37
N ALA A 107 2.10 -0.14 13.95
CA ALA A 107 2.48 -1.43 13.37
C ALA A 107 1.35 -2.46 13.36
N MET A 108 0.26 -2.28 14.12
CA MET A 108 -0.91 -3.16 14.07
C MET A 108 -1.86 -2.86 12.92
N LEU A 109 -1.72 -1.73 12.23
CA LEU A 109 -2.75 -1.39 11.23
C LEU A 109 -2.81 -2.40 10.07
N ASP A 110 -1.69 -2.65 9.44
CA ASP A 110 -1.67 -3.58 8.30
C ASP A 110 -2.05 -4.99 8.74
N PRO A 111 -1.46 -5.51 9.79
CA PRO A 111 -1.91 -6.86 10.23
C PRO A 111 -3.41 -6.91 10.46
N LEU A 112 -3.98 -5.89 11.13
CA LEU A 112 -5.40 -5.96 11.45
C LEU A 112 -6.24 -5.73 10.21
N GLU A 113 -5.84 -4.77 9.38
CA GLU A 113 -6.55 -4.53 8.13
C GLU A 113 -6.66 -5.81 7.28
N VAL A 114 -5.54 -6.55 7.13
CA VAL A 114 -5.54 -7.75 6.30
C VAL A 114 -6.43 -8.82 6.91
N HIS A 115 -6.35 -9.00 8.23
CA HIS A 115 -7.21 -9.98 8.88
C HIS A 115 -8.68 -9.59 8.84
N MET A 116 -9.02 -8.33 8.59
CA MET A 116 -10.40 -7.89 8.66
C MET A 116 -10.97 -7.56 7.30
N LEU A 117 -10.38 -8.09 6.20
CA LEU A 117 -10.86 -7.72 4.87
C LEU A 117 -12.30 -8.11 4.66
N ASP A 118 -12.74 -9.15 5.35
CA ASP A 118 -14.12 -9.60 5.28
C ASP A 118 -15.08 -8.60 5.91
N PHE A 119 -14.58 -7.64 6.68
CA PHE A 119 -15.40 -6.64 7.37
C PHE A 119 -15.09 -5.25 6.82
N PRO A 120 -15.39 -5.00 5.54
CA PRO A 120 -15.03 -3.71 4.91
C PRO A 120 -15.64 -2.53 5.62
N ASN A 121 -16.75 -2.71 6.32
CA ASN A 121 -17.38 -1.60 7.00
C ASN A 121 -16.75 -1.26 8.37
N ILE A 122 -15.88 -2.07 8.91
CA ILE A 122 -15.24 -1.78 10.19
C ILE A 122 -13.97 -0.97 9.97
N ALA A 123 -13.96 0.26 10.51
CA ALA A 123 -12.83 1.15 10.27
C ALA A 123 -11.69 0.85 11.21
N ILE A 124 -10.47 0.67 10.67
CA ILE A 124 -9.28 0.41 11.47
C ILE A 124 -8.47 1.69 11.52
N ARG A 125 -8.26 2.21 12.74
CA ARG A 125 -7.71 3.53 12.98
C ARG A 125 -6.51 3.49 13.93
N PRO A 126 -5.49 4.32 13.69
CA PRO A 126 -4.46 4.61 14.68
C PRO A 126 -4.88 5.73 15.62
N THR A 127 -4.00 6.08 16.55
CA THR A 127 -4.28 7.20 17.44
C THR A 127 -2.99 7.96 17.70
N GLU A 128 -3.16 9.27 17.96
N GLU A 128 -3.13 9.27 17.96
CA GLU A 128 -2.07 10.14 18.39
CA GLU A 128 -2.00 10.06 18.40
C GLU A 128 -1.94 10.19 19.91
C GLU A 128 -1.86 10.07 19.92
N LEU A 129 -2.84 9.58 20.65
CA LEU A 129 -2.73 9.51 22.09
C LEU A 129 -1.71 8.47 22.50
N ARG A 130 -0.97 8.78 23.56
CA ARG A 130 0.03 7.89 24.12
C ARG A 130 -0.55 7.17 25.34
N LEU A 131 -1.54 6.33 25.08
CA LEU A 131 -2.36 5.74 26.12
C LEU A 131 -1.55 4.72 26.95
N PRO A 132 -1.77 4.67 28.26
CA PRO A 132 -0.92 3.81 29.11
C PRO A 132 -1.38 2.36 29.26
N PHE A 133 -1.99 1.79 28.23
CA PHE A 133 -2.54 0.46 28.42
C PHE A 133 -1.48 -0.58 28.69
N SER A 134 -0.19 -0.34 28.38
CA SER A 134 0.83 -1.34 28.72
C SER A 134 0.87 -1.64 30.20
N ALA A 135 0.40 -0.71 31.04
CA ALA A 135 0.45 -0.90 32.48
C ALA A 135 -0.67 -1.83 32.97
N ALA A 136 -1.49 -2.40 32.08
CA ALA A 136 -2.51 -3.36 32.50
C ALA A 136 -1.95 -4.53 33.32
N MET A 137 -0.70 -4.92 33.08
CA MET A 137 -0.08 -6.00 33.81
C MET A 137 0.35 -5.58 35.19
N SER A 138 0.15 -4.31 35.56
CA SER A 138 0.33 -3.88 36.95
C SER A 138 -0.95 -3.98 37.74
N ILE A 139 -2.05 -4.37 37.11
CA ILE A 139 -3.28 -4.63 37.84
C ILE A 139 -3.19 -6.06 38.32
N ASP A 140 -3.23 -6.27 39.64
CA ASP A 140 -2.82 -7.55 40.20
C ASP A 140 -3.68 -8.68 39.67
N LYS A 141 -4.99 -8.47 39.65
CA LYS A 141 -5.84 -9.61 39.28
C LYS A 141 -5.66 -9.97 37.79
N LEU A 142 -5.32 -8.99 36.97
CA LEU A 142 -5.07 -9.28 35.56
C LEU A 142 -3.73 -10.00 35.41
N SER A 143 -2.68 -9.47 36.02
CA SER A 143 -1.41 -10.18 35.99
C SER A 143 -1.53 -11.63 36.46
N ASP A 144 -2.36 -11.86 37.47
CA ASP A 144 -2.45 -13.20 38.03
C ASP A 144 -3.11 -14.16 37.05
N VAL A 145 -4.23 -13.76 36.44
CA VAL A 145 -4.83 -14.71 35.51
C VAL A 145 -3.87 -15.02 34.32
N VAL A 146 -3.16 -14.04 33.80
CA VAL A 146 -2.17 -14.31 32.73
C VAL A 146 -1.11 -15.28 33.20
N MET A 147 -0.51 -15.04 34.38
N MET A 147 -0.51 -15.05 34.38
N MET A 147 -0.51 -15.05 34.38
CA MET A 147 0.63 -15.81 34.83
CA MET A 147 0.65 -15.84 34.78
CA MET A 147 0.64 -15.85 34.77
C MET A 147 0.24 -17.25 35.15
C MET A 147 0.24 -17.27 35.13
C MET A 147 0.24 -17.27 35.11
N LYS A 148 -1.00 -17.49 35.55
CA LYS A 148 -1.42 -18.85 35.91
C LYS A 148 -1.88 -19.70 34.73
N ALA A 149 -2.19 -19.09 33.61
CA ALA A 149 -2.81 -19.85 32.56
C ALA A 149 -1.85 -20.89 32.04
N THR A 150 -2.34 -22.11 31.85
CA THR A 150 -1.58 -23.20 31.26
C THR A 150 -2.01 -23.50 29.84
N GLU A 151 -2.98 -22.77 29.34
CA GLU A 151 -3.42 -22.94 27.96
C GLU A 151 -3.95 -21.60 27.45
N PRO A 152 -4.10 -21.45 26.13
CA PRO A 152 -4.78 -20.25 25.63
C PRO A 152 -6.17 -20.09 26.26
N GLN A 153 -6.53 -18.83 26.52
CA GLN A 153 -7.73 -18.56 27.28
C GLN A 153 -8.17 -17.12 27.12
N MET A 154 -9.47 -16.93 27.04
CA MET A 154 -10.07 -15.61 27.02
C MET A 154 -10.78 -15.41 28.35
N VAL A 155 -10.50 -14.29 29.01
CA VAL A 155 -11.20 -13.86 30.23
C VAL A 155 -11.83 -12.48 30.01
N LEU A 156 -13.02 -12.29 30.59
CA LEU A 156 -13.80 -11.07 30.41
C LEU A 156 -13.80 -10.29 31.70
N PHE A 157 -13.49 -9.00 31.62
CA PHE A 157 -13.51 -8.18 32.82
C PHE A 157 -14.30 -6.92 32.52
N ASN A 158 -14.75 -6.23 33.55
CA ASN A 158 -15.11 -4.80 33.41
C ASN A 158 -14.05 -3.97 34.14
N ILE A 159 -13.24 -3.24 33.37
CA ILE A 159 -12.15 -2.46 33.94
C ILE A 159 -12.67 -1.23 34.66
N TYR A 160 -13.95 -0.89 34.60
CA TYR A 160 -14.42 0.21 35.43
C TYR A 160 -15.12 -0.28 36.69
N ASP A 161 -15.02 -1.56 37.03
CA ASP A 161 -15.81 -2.04 38.17
C ASP A 161 -17.24 -1.50 38.07
N ASP A 162 -17.80 -0.88 39.13
CA ASP A 162 -19.16 -0.38 39.07
C ASP A 162 -19.22 1.12 38.89
N TRP A 163 -18.15 1.73 38.37
CA TRP A 163 -18.07 3.19 38.38
C TRP A 163 -19.19 3.87 37.60
N LEU A 164 -19.62 3.30 36.46
CA LEU A 164 -20.66 3.84 35.59
C LEU A 164 -21.99 4.00 36.31
N ASP A 165 -22.15 3.40 37.50
CA ASP A 165 -23.36 3.65 38.28
C ASP A 165 -23.39 5.08 38.75
N ARG A 166 -22.21 5.68 38.88
CA ARG A 166 -22.09 7.00 39.51
C ARG A 166 -21.48 8.07 38.63
N ILE A 167 -20.73 7.70 37.58
CA ILE A 167 -20.04 8.65 36.72
C ILE A 167 -20.23 8.26 35.27
N SER A 168 -19.93 9.19 34.37
CA SER A 168 -20.06 8.94 32.95
C SER A 168 -18.85 8.16 32.40
N SER A 169 -19.01 7.61 31.20
N SER A 169 -18.99 7.62 31.20
CA SER A 169 -17.91 6.91 30.58
CA SER A 169 -17.84 6.89 30.63
C SER A 169 -16.72 7.84 30.42
C SER A 169 -16.70 7.84 30.35
N TYR A 170 -16.98 9.12 30.08
CA TYR A 170 -15.87 10.03 29.91
C TYR A 170 -15.08 10.17 31.22
N THR A 171 -15.75 10.24 32.35
CA THR A 171 -14.95 10.34 33.57
C THR A 171 -14.31 9.00 33.97
N ALA A 172 -14.97 7.91 33.66
CA ALA A 172 -14.40 6.61 34.00
C ALA A 172 -13.11 6.33 33.20
N PHE A 173 -13.10 6.66 31.92
CA PHE A 173 -11.89 6.52 31.13
C PHE A 173 -10.79 7.45 31.60
N SER A 174 -11.13 8.72 31.92
CA SER A 174 -10.11 9.61 32.47
C SER A 174 -9.52 9.05 33.77
N ARG A 175 -10.38 8.52 34.65
CA ARG A 175 -9.87 7.89 35.88
C ARG A 175 -8.96 6.73 35.54
N LEU A 176 -9.40 5.86 34.65
CA LEU A 176 -8.57 4.67 34.32
C LEU A 176 -7.21 5.10 33.76
N THR A 177 -7.19 6.01 32.79
CA THR A 177 -5.94 6.39 32.21
C THR A 177 -5.07 7.12 33.20
N LEU A 178 -5.62 7.83 34.20
CA LEU A 178 -4.74 8.39 35.23
C LEU A 178 -4.17 7.31 36.15
N LEU A 179 -4.95 6.30 36.44
CA LEU A 179 -4.43 5.22 37.26
C LEU A 179 -3.32 4.45 36.52
N LEU A 180 -3.57 4.05 35.27
CA LEU A 180 -2.56 3.37 34.49
C LEU A 180 -1.31 4.24 34.24
N ARG A 181 -1.47 5.52 33.88
CA ARG A 181 -0.30 6.37 33.78
C ARG A 181 0.53 6.32 35.07
N ALA A 182 -0.13 6.45 36.22
CA ALA A 182 0.60 6.43 37.48
C ALA A 182 1.33 5.10 37.64
N LEU A 183 0.61 3.99 37.47
CA LEU A 183 1.22 2.67 37.59
C LEU A 183 2.41 2.48 36.65
N LYS A 184 2.40 3.15 35.49
CA LYS A 184 3.48 3.00 34.53
C LYS A 184 4.70 3.84 34.91
N THR A 185 4.49 5.02 35.52
N THR A 185 4.47 5.02 35.52
CA THR A 185 5.61 5.88 35.86
CA THR A 185 5.55 5.92 35.87
C THR A 185 6.30 5.47 37.14
C THR A 185 6.27 5.48 37.14
N ASN A 186 5.53 4.95 38.11
CA ASN A 186 6.12 4.45 39.34
C ASN A 186 5.12 3.47 39.96
N GLU A 187 5.28 2.18 39.62
CA GLU A 187 4.32 1.19 40.06
C GLU A 187 4.23 1.13 41.58
N GLU A 188 5.37 1.11 42.27
CA GLU A 188 5.33 0.89 43.70
C GLU A 188 4.58 2.02 44.41
N SER A 189 4.95 3.27 44.11
CA SER A 189 4.25 4.39 44.69
C SER A 189 2.76 4.34 44.37
N ALA A 190 2.44 4.06 43.09
CA ALA A 190 1.04 4.01 42.70
C ALA A 190 0.28 2.97 43.51
N LYS A 191 0.86 1.79 43.68
CA LYS A 191 0.15 0.74 44.40
C LYS A 191 0.03 1.06 45.88
N MET A 192 1.06 1.66 46.47
CA MET A 192 0.93 2.11 47.85
CA MET A 192 0.94 2.13 47.85
C MET A 192 -0.23 3.08 48.00
N ILE A 193 -0.35 4.05 47.08
CA ILE A 193 -1.46 4.99 47.14
C ILE A 193 -2.79 4.26 47.18
N LEU A 194 -2.93 3.22 46.38
CA LEU A 194 -4.24 2.61 46.19
C LEU A 194 -4.65 1.72 47.36
N LEU A 195 -3.68 1.13 48.05
CA LEU A 195 -3.95 0.09 49.02
C LEU A 195 -3.56 0.47 50.44
N SER A 196 -2.93 1.62 50.65
CA SER A 196 -2.43 1.98 51.96
C SER A 196 -3.49 1.77 53.06
N ASP A 197 -4.63 2.42 52.92
CA ASP A 197 -5.67 2.31 53.93
C ASP A 197 -6.28 0.92 53.91
N PRO A 198 -6.08 0.11 54.95
CA PRO A 198 -6.60 -1.27 54.92
C PRO A 198 -8.11 -1.37 55.04
N THR A 199 -8.80 -0.30 55.39
CA THR A 199 -10.25 -0.38 55.53
C THR A 199 -10.99 -0.25 54.21
N ILE A 200 -10.28 -0.01 53.11
CA ILE A 200 -10.86 0.08 51.77
C ILE A 200 -10.41 -1.15 51.03
N THR A 201 -11.35 -2.04 50.73
CA THR A 201 -11.04 -3.30 50.12
C THR A 201 -11.44 -3.30 48.65
N ILE A 202 -10.93 -4.30 47.95
CA ILE A 202 -11.30 -4.64 46.58
C ILE A 202 -12.26 -5.80 46.65
N LYS A 203 -13.47 -5.61 46.17
CA LYS A 203 -14.45 -6.70 46.23
C LYS A 203 -13.95 -7.86 45.37
N SER A 204 -14.44 -9.08 45.69
CA SER A 204 -13.95 -10.24 44.96
C SER A 204 -14.17 -10.10 43.45
N TYR A 205 -15.23 -9.39 43.06
CA TYR A 205 -15.64 -9.27 41.68
C TYR A 205 -15.20 -7.94 41.07
N HIS A 206 -14.17 -7.32 41.65
CA HIS A 206 -13.68 -6.02 41.16
C HIS A 206 -12.16 -6.07 40.98
N LEU A 207 -11.65 -5.06 40.31
CA LEU A 207 -10.21 -4.89 40.12
C LEU A 207 -9.63 -3.81 40.98
N TRP A 208 -10.42 -2.81 41.32
CA TRP A 208 -9.94 -1.75 42.16
C TRP A 208 -10.67 -1.62 43.51
N PRO A 209 -10.10 -0.83 44.44
CA PRO A 209 -10.72 -0.68 45.77
C PRO A 209 -12.07 0.01 45.67
N SER A 210 -12.87 -0.23 46.68
CA SER A 210 -14.22 0.32 46.78
C SER A 210 -14.19 1.72 47.42
N PHE A 211 -13.65 2.67 46.66
CA PHE A 211 -13.52 4.05 47.15
C PHE A 211 -14.86 4.78 47.09
N THR A 212 -15.11 5.66 48.08
CA THR A 212 -16.21 6.60 47.95
C THR A 212 -15.85 7.68 46.92
N ASP A 213 -16.87 8.46 46.53
CA ASP A 213 -16.63 9.62 45.69
C ASP A 213 -15.57 10.51 46.30
N GLU A 214 -15.71 10.84 47.57
CA GLU A 214 -14.72 11.73 48.15
C GLU A 214 -13.34 11.11 48.11
N GLN A 215 -13.27 9.82 48.47
CA GLN A 215 -12.00 9.12 48.45
C GLN A 215 -11.41 9.03 47.05
N TRP A 216 -12.25 8.93 46.02
CA TRP A 216 -11.69 8.89 44.67
C TRP A 216 -11.05 10.21 44.29
N ILE A 217 -11.62 11.33 44.76
CA ILE A 217 -11.04 12.65 44.52
C ILE A 217 -9.68 12.76 45.21
N THR A 218 -9.59 12.31 46.46
CA THR A 218 -8.30 12.26 47.13
C THR A 218 -7.33 11.36 46.36
N ILE A 219 -7.75 10.13 46.06
CA ILE A 219 -6.90 9.22 45.31
C ILE A 219 -6.46 9.86 44.01
N GLU A 220 -7.42 10.37 43.24
CA GLU A 220 -7.06 10.97 41.96
C GLU A 220 -6.03 12.09 42.14
N SER A 221 -6.19 12.89 43.20
N SER A 221 -6.20 12.91 43.19
CA SER A 221 -5.22 13.95 43.47
CA SER A 221 -5.21 13.95 43.46
C SER A 221 -3.84 13.38 43.75
C SER A 221 -3.84 13.36 43.72
N GLN A 222 -3.76 12.27 44.49
CA GLN A 222 -2.46 11.69 44.86
C GLN A 222 -1.74 11.11 43.64
N MET A 223 -2.50 10.57 42.68
CA MET A 223 -1.92 10.07 41.44
C MET A 223 -1.37 11.19 40.56
N ARG A 224 -2.05 12.34 40.50
N ARG A 224 -2.02 12.36 40.52
CA ARG A 224 -1.50 13.49 39.78
CA ARG A 224 -1.46 13.48 39.74
C ARG A 224 -0.18 13.94 40.39
C ARG A 224 -0.18 14.00 40.37
N ASP A 225 -0.14 14.11 41.71
CA ASP A 225 1.10 14.48 42.38
CA ASP A 225 1.09 14.47 42.39
C ASP A 225 2.21 13.49 42.02
N LEU A 226 1.93 12.19 42.11
CA LEU A 226 2.95 11.21 41.76
C LEU A 226 3.49 11.44 40.36
N ILE A 227 2.60 11.66 39.39
CA ILE A 227 3.02 11.77 37.99
C ILE A 227 3.85 13.04 37.79
N LEU A 228 3.42 14.16 38.39
CA LEU A 228 4.20 15.39 38.31
C LEU A 228 5.55 15.26 39.00
N THR A 229 5.55 14.73 40.22
CA THR A 229 6.78 14.37 40.91
C THR A 229 7.75 13.62 40.00
N GLU A 230 7.48 12.34 39.75
CA GLU A 230 8.34 11.51 38.91
C GLU A 230 8.83 12.27 37.69
N TYR A 231 8.01 13.19 37.20
CA TYR A 231 8.39 13.99 36.04
C TYR A 231 9.44 15.02 36.40
N GLY A 232 9.49 15.43 37.67
CA GLY A 232 10.60 16.25 38.15
C GLY A 232 11.81 15.38 38.43
N ARG A 233 11.66 14.45 39.39
CA ARG A 233 12.68 13.45 39.65
C ARG A 233 13.34 12.99 38.35
N LYS A 234 12.54 12.85 37.29
CA LYS A 234 13.05 12.37 36.01
C LYS A 234 13.73 13.50 35.23
N TYR A 235 13.12 14.68 35.20
CA TYR A 235 13.67 15.81 34.47
C TYR A 235 14.34 16.85 35.37
N ASN A 236 14.52 16.53 36.65
CA ASN A 236 15.13 17.46 37.60
C ASN A 236 14.54 18.86 37.45
N VAL A 237 13.32 19.05 37.93
CA VAL A 237 12.62 20.33 37.84
C VAL A 237 11.94 20.63 39.17
N MET B 5 9.74 -1.71 -44.62
CA MET B 5 9.56 -0.39 -43.95
C MET B 5 8.22 0.24 -44.34
N ASN B 6 7.54 0.90 -43.40
CA ASN B 6 6.20 1.43 -43.64
C ASN B 6 6.10 2.93 -43.35
N THR B 7 4.92 3.50 -43.60
CA THR B 7 4.81 4.96 -43.69
C THR B 7 3.48 5.42 -43.08
N VAL B 8 3.54 6.51 -42.27
CA VAL B 8 2.36 7.21 -41.68
C VAL B 8 2.31 8.59 -42.33
N PRO B 9 1.55 8.86 -43.50
CA PRO B 9 1.28 10.21 -44.43
C PRO B 9 0.47 11.05 -43.41
N PHE B 10 0.71 12.33 -43.42
CA PHE B 10 -0.11 13.39 -42.77
C PHE B 10 -0.82 14.16 -43.86
N THR B 11 -2.10 14.47 -43.71
CA THR B 11 -2.76 15.25 -44.76
C THR B 11 -2.01 16.61 -44.79
N SER B 12 -1.79 17.24 -43.62
CA SER B 12 -1.10 18.57 -43.45
C SER B 12 -0.76 18.86 -41.98
N ALA B 13 0.06 19.88 -41.67
CA ALA B 13 0.42 20.29 -40.31
C ALA B 13 -0.02 21.72 -40.04
N PRO B 14 -1.31 21.94 -39.80
CA PRO B 14 -1.79 23.33 -39.66
C PRO B 14 -1.41 24.01 -38.37
N ILE B 15 -1.17 23.27 -37.28
CA ILE B 15 -0.77 23.92 -36.04
C ILE B 15 0.60 23.44 -35.62
N GLU B 16 1.38 24.38 -35.09
CA GLU B 16 2.72 24.13 -34.59
C GLU B 16 2.67 23.08 -33.49
N VAL B 17 3.50 22.04 -33.61
CA VAL B 17 3.40 20.86 -32.75
C VAL B 17 4.76 20.22 -32.63
N THR B 18 5.02 19.65 -31.46
CA THR B 18 6.11 18.70 -31.33
C THR B 18 5.55 17.29 -31.57
N ILE B 19 6.17 16.60 -32.50
CA ILE B 19 5.75 15.25 -32.89
C ILE B 19 6.73 14.23 -32.36
N GLY B 20 6.22 13.23 -31.67
CA GLY B 20 6.98 12.10 -31.21
C GLY B 20 6.67 10.83 -32.07
N ILE B 21 7.74 10.10 -32.36
CA ILE B 21 7.62 8.75 -32.94
C ILE B 21 8.50 7.83 -32.10
N ASP B 22 7.90 6.93 -31.36
CA ASP B 22 8.67 6.10 -30.42
C ASP B 22 9.54 7.05 -29.61
N GLN B 23 10.81 6.78 -29.41
CA GLN B 23 11.64 7.58 -28.53
C GLN B 23 12.23 8.82 -29.22
N TYR B 24 11.84 9.07 -30.46
CA TYR B 24 12.36 10.19 -31.23
C TYR B 24 11.31 11.28 -31.26
N SER B 25 11.73 12.51 -31.55
CA SER B 25 10.78 13.61 -31.66
C SER B 25 11.39 14.78 -32.43
N PHE B 26 10.51 15.62 -33.00
CA PHE B 26 10.94 16.75 -33.84
C PHE B 26 9.84 17.79 -33.86
N ASN B 27 10.24 19.05 -34.09
CA ASN B 27 9.32 20.17 -34.05
C ASN B 27 8.85 20.44 -35.45
N VAL B 28 7.56 20.67 -35.63
CA VAL B 28 6.97 21.07 -36.92
C VAL B 28 6.32 22.45 -36.70
N LYS B 29 6.58 23.41 -37.59
CA LYS B 29 6.06 24.76 -37.40
C LYS B 29 4.67 24.95 -38.02
N GLU B 30 3.95 25.95 -37.54
CA GLU B 30 2.60 26.20 -38.06
C GLU B 30 2.59 26.31 -39.57
N ASN B 31 1.85 25.41 -40.21
CA ASN B 31 1.72 25.35 -41.68
C ASN B 31 3.05 25.07 -42.39
N GLN B 32 3.84 24.14 -41.84
CA GLN B 32 5.06 23.73 -42.50
C GLN B 32 4.80 22.55 -43.44
N PRO B 33 5.51 22.49 -44.57
CA PRO B 33 5.22 21.44 -45.56
C PRO B 33 5.58 20.03 -45.13
N PHE B 34 4.96 19.58 -44.04
CA PHE B 34 5.27 18.28 -43.45
C PHE B 34 4.22 17.28 -43.86
N HIS B 35 4.67 16.13 -44.35
CA HIS B 35 3.68 15.15 -44.77
C HIS B 35 3.95 13.74 -44.25
N GLY B 36 4.70 13.63 -43.15
CA GLY B 36 4.65 12.46 -42.31
C GLY B 36 6.00 11.78 -42.15
N ILE B 37 5.93 10.52 -41.76
CA ILE B 37 7.10 9.80 -41.25
C ILE B 37 7.21 8.55 -42.09
N LYS B 38 8.40 8.27 -42.59
CA LYS B 38 8.68 7.07 -43.38
C LYS B 38 9.73 6.19 -42.72
N ASP B 39 9.97 5.04 -43.40
CA ASP B 39 10.96 4.03 -43.01
C ASP B 39 10.71 3.53 -41.57
N ILE B 40 9.45 3.37 -41.20
CA ILE B 40 9.14 2.82 -39.89
C ILE B 40 9.39 1.32 -39.94
N PRO B 41 10.13 0.82 -38.93
CA PRO B 41 10.43 -0.62 -38.83
C PRO B 41 9.16 -1.43 -38.64
N ILE B 42 9.00 -2.33 -39.50
CA ILE B 42 8.04 -3.39 -39.34
C ILE B 42 8.52 -4.39 -38.28
N GLY B 43 7.54 -4.94 -37.60
CA GLY B 43 7.76 -5.96 -36.63
C GLY B 43 7.46 -5.50 -35.25
N HIS B 44 7.34 -4.21 -35.01
CA HIS B 44 7.14 -3.74 -33.66
C HIS B 44 5.88 -2.91 -33.60
N VAL B 45 5.38 -2.68 -32.37
N VAL B 45 5.31 -2.78 -32.41
CA VAL B 45 4.32 -1.71 -32.10
CA VAL B 45 4.30 -1.73 -32.25
C VAL B 45 4.99 -0.36 -31.91
C VAL B 45 5.03 -0.40 -32.31
N HIS B 46 4.28 0.68 -32.36
CA HIS B 46 4.87 2.00 -32.39
C HIS B 46 3.91 2.95 -31.77
N VAL B 47 4.40 4.10 -31.38
CA VAL B 47 3.52 5.14 -30.88
C VAL B 47 3.89 6.45 -31.51
N ILE B 48 2.90 7.16 -31.96
N ILE B 48 2.89 7.15 -32.03
CA ILE B 48 3.13 8.48 -32.54
CA ILE B 48 3.06 8.50 -32.58
C ILE B 48 2.38 9.45 -31.66
C ILE B 48 2.36 9.45 -31.62
N HIS B 49 3.04 10.53 -31.23
CA HIS B 49 2.50 11.37 -30.17
C HIS B 49 2.78 12.87 -30.33
N PHE B 50 1.94 13.65 -29.62
CA PHE B 50 1.83 15.06 -29.96
C PHE B 50 1.81 15.97 -28.74
N GLN B 51 2.44 17.13 -28.88
CA GLN B 51 2.35 18.13 -27.85
C GLN B 51 2.26 19.47 -28.57
N HIS B 52 1.11 20.11 -28.51
CA HIS B 52 0.94 21.36 -29.24
C HIS B 52 1.88 22.43 -28.68
N ALA B 53 2.39 23.28 -29.58
CA ALA B 53 3.18 24.42 -29.16
C ALA B 53 2.39 25.35 -28.25
N ASP B 54 1.14 25.64 -28.59
CA ASP B 54 0.39 26.65 -27.85
C ASP B 54 -0.02 26.14 -26.48
N ASN B 55 -0.33 24.86 -26.37
CA ASN B 55 -0.84 24.28 -25.14
C ASN B 55 -0.04 23.03 -24.83
N SER B 56 0.99 23.17 -24.00
CA SER B 56 1.74 22.00 -23.56
C SER B 56 0.88 21.05 -22.73
N SER B 57 -0.32 21.47 -22.34
CA SER B 57 -1.24 20.56 -21.67
C SER B 57 -1.77 19.50 -22.63
N MET B 58 -2.06 18.33 -22.09
N MET B 58 -2.03 18.33 -22.06
CA MET B 58 -2.49 17.23 -22.94
CA MET B 58 -2.47 17.17 -22.83
C MET B 58 -1.38 16.86 -23.90
C MET B 58 -1.45 16.78 -23.88
N ARG B 59 -0.49 15.94 -23.49
CA ARG B 59 0.21 15.10 -24.45
C ARG B 59 -0.80 14.03 -24.86
N TYR B 60 -0.78 13.60 -26.11
CA TYR B 60 -1.72 12.57 -26.58
C TYR B 60 -1.11 11.81 -27.75
N GLY B 61 -1.62 10.63 -28.06
CA GLY B 61 -1.00 9.89 -29.19
C GLY B 61 -1.70 8.59 -29.47
N TYR B 62 -1.14 7.83 -30.44
CA TYR B 62 -1.79 6.67 -31.01
C TYR B 62 -0.78 5.53 -30.99
N TRP B 63 -1.19 4.40 -30.35
CA TRP B 63 -0.48 3.13 -30.57
C TRP B 63 -0.97 2.36 -31.80
N PHE B 64 -0.01 1.85 -32.62
CA PHE B 64 -0.40 1.21 -33.85
C PHE B 64 0.68 0.21 -34.25
N ASP B 65 0.27 -0.65 -35.15
CA ASP B 65 1.15 -1.61 -35.82
C ASP B 65 0.85 -1.60 -37.32
N CYS B 66 1.87 -1.28 -38.10
CA CYS B 66 1.70 -1.09 -39.54
C CYS B 66 1.27 -2.35 -40.26
N ARG B 67 1.52 -3.51 -39.69
CA ARG B 67 1.01 -4.73 -40.28
C ARG B 67 -0.51 -4.81 -40.25
N MET B 68 -1.18 -3.99 -39.45
N MET B 68 -1.18 -4.00 -39.45
CA MET B 68 -2.62 -4.09 -39.27
CA MET B 68 -2.62 -4.11 -39.26
C MET B 68 -3.44 -3.11 -40.11
C MET B 68 -3.44 -3.18 -40.17
N GLY B 69 -2.79 -2.34 -40.96
CA GLY B 69 -3.52 -1.48 -41.87
C GLY B 69 -2.70 -0.28 -42.27
N ASN B 70 -3.27 0.48 -43.18
CA ASN B 70 -2.70 1.71 -43.69
C ASN B 70 -3.23 2.91 -42.90
N PHE B 71 -2.39 3.63 -42.16
CA PHE B 71 -2.90 4.70 -41.28
C PHE B 71 -2.26 6.05 -41.65
N TYR B 72 -3.02 7.13 -41.47
CA TYR B 72 -2.56 8.50 -41.71
C TYR B 72 -3.07 9.41 -40.59
N ILE B 73 -2.48 10.58 -40.50
CA ILE B 73 -2.87 11.62 -39.52
C ILE B 73 -3.52 12.77 -40.29
N GLN B 74 -4.61 13.32 -39.78
CA GLN B 74 -5.33 14.43 -40.43
C GLN B 74 -5.72 15.36 -39.28
N TYR B 75 -5.30 16.63 -39.31
CA TYR B 75 -5.64 17.56 -38.20
C TYR B 75 -7.14 17.88 -38.25
N ASP B 76 -7.88 17.69 -37.15
CA ASP B 76 -9.29 18.06 -37.09
C ASP B 76 -9.48 19.44 -36.45
N PRO B 77 -9.93 20.47 -37.17
CA PRO B 77 -9.98 21.82 -36.57
C PRO B 77 -11.16 22.02 -35.62
N LYS B 78 -12.09 21.06 -35.59
CA LYS B 78 -13.23 21.20 -34.69
C LYS B 78 -12.84 20.67 -33.34
N ASP B 79 -12.31 19.44 -33.33
CA ASP B 79 -11.84 18.89 -32.08
C ASP B 79 -10.45 19.40 -31.67
N GLY B 80 -9.71 20.07 -32.55
CA GLY B 80 -8.40 20.62 -32.24
C GLY B 80 -7.36 19.54 -32.01
N LEU B 81 -7.35 18.46 -32.78
CA LEU B 81 -6.16 17.62 -32.64
C LEU B 81 -5.85 16.80 -33.89
N TYR B 82 -4.60 16.35 -33.92
CA TYR B 82 -4.09 15.44 -34.95
C TYR B 82 -4.75 14.09 -34.71
N LYS B 83 -5.60 13.61 -35.64
CA LYS B 83 -6.32 12.34 -35.44
C LYS B 83 -5.72 11.26 -36.32
N MET B 84 -5.61 10.03 -35.83
CA MET B 84 -5.12 8.91 -36.67
C MET B 84 -6.37 8.35 -37.37
N MET B 85 -6.28 8.01 -38.64
CA MET B 85 -7.40 7.41 -39.40
C MET B 85 -6.86 6.28 -40.27
N GLU B 86 -7.73 5.38 -40.68
CA GLU B 86 -7.35 4.24 -41.54
C GLU B 86 -7.85 4.53 -42.95
N GLU B 87 -7.03 4.28 -43.98
CA GLU B 87 -7.47 4.43 -45.38
C GLU B 87 -7.76 3.01 -45.83
N ARG B 88 -8.95 2.71 -46.32
CA ARG B 88 -9.33 1.33 -46.74
C ARG B 88 -8.76 1.04 -48.13
N ASP B 89 -8.65 2.07 -48.95
CA ASP B 89 -8.28 1.93 -50.36
C ASP B 89 -6.76 1.82 -50.48
N GLY B 90 -6.27 0.60 -50.66
CA GLY B 90 -4.82 0.41 -50.65
C GLY B 90 -4.13 1.11 -51.80
N ALA B 91 -4.57 0.81 -53.03
CA ALA B 91 -3.92 1.35 -54.25
C ALA B 91 -3.81 2.87 -54.09
N LYS B 92 -4.88 3.50 -53.58
CA LYS B 92 -4.97 4.98 -53.39
C LYS B 92 -4.07 5.46 -52.27
N PHE B 93 -3.73 4.58 -51.32
CA PHE B 93 -2.83 4.96 -50.21
C PHE B 93 -1.40 4.93 -50.75
N GLU B 94 -1.10 3.91 -51.56
CA GLU B 94 0.23 3.74 -52.21
C GLU B 94 0.51 4.96 -53.09
N ASN B 95 -0.49 5.45 -53.81
CA ASN B 95 -0.28 6.61 -54.71
C ASN B 95 0.16 7.82 -53.91
N ILE B 96 -0.58 8.13 -52.82
CA ILE B 96 -0.33 9.32 -51.94
C ILE B 96 1.06 9.18 -51.33
N VAL B 97 1.34 8.04 -50.71
CA VAL B 97 2.63 7.80 -50.04
C VAL B 97 3.74 8.00 -51.08
N HIS B 98 3.63 7.36 -52.24
CA HIS B 98 4.64 7.49 -53.30
C HIS B 98 4.83 8.95 -53.72
N ASN B 99 3.76 9.71 -53.90
CA ASN B 99 3.82 11.14 -54.33
C ASN B 99 4.63 12.01 -53.34
N PHE B 100 4.48 11.89 -52.02
CA PHE B 100 5.21 12.73 -51.02
C PHE B 100 6.66 12.26 -50.84
N LYS B 101 6.91 10.97 -51.11
CA LYS B 101 8.27 10.35 -51.00
C LYS B 101 9.11 10.85 -52.18
N GLU B 102 8.47 11.05 -53.32
CA GLU B 102 9.15 11.64 -54.46
C GLU B 102 9.46 13.11 -54.20
N ARG B 103 8.55 13.83 -53.58
CA ARG B 103 8.74 15.22 -53.23
C ARG B 103 9.46 15.45 -51.91
N GLN B 104 9.91 14.36 -51.25
CA GLN B 104 10.75 14.39 -50.04
C GLN B 104 10.14 15.27 -48.94
N MET B 105 8.85 15.14 -48.75
CA MET B 105 8.19 15.85 -47.67
C MET B 105 7.94 14.98 -46.44
N MET B 106 8.78 13.96 -46.18
CA MET B 106 8.61 13.12 -45.00
C MET B 106 9.92 12.97 -44.25
N VAL B 107 9.83 12.88 -42.92
CA VAL B 107 10.96 12.62 -42.05
C VAL B 107 11.18 11.13 -41.96
N SER B 108 12.44 10.75 -41.96
CA SER B 108 12.77 9.35 -41.89
C SER B 108 12.90 8.87 -40.46
N TYR B 109 12.24 7.78 -40.12
CA TYR B 109 12.42 7.22 -38.80
C TYR B 109 13.89 6.99 -38.52
N PRO B 110 14.49 7.62 -37.53
CA PRO B 110 15.95 7.73 -37.52
C PRO B 110 16.64 6.66 -36.69
N LYS B 111 16.49 5.41 -37.10
CA LYS B 111 17.04 4.33 -36.30
C LYS B 111 18.50 4.08 -36.65
N ILE B 112 19.34 4.04 -35.60
CA ILE B 112 20.74 3.61 -35.70
C ILE B 112 20.80 2.09 -35.73
N ASP B 113 21.70 1.55 -36.55
CA ASP B 113 21.68 0.11 -36.80
C ASP B 113 22.10 -0.68 -35.56
N GLU B 114 23.02 -0.14 -34.76
CA GLU B 114 23.45 -0.77 -33.50
C GLU B 114 22.34 -0.81 -32.44
N ASP B 115 21.22 -0.13 -32.68
CA ASP B 115 20.34 0.33 -31.61
C ASP B 115 19.14 -0.60 -31.44
N ASP B 116 19.12 -1.34 -30.32
CA ASP B 116 17.99 -2.18 -30.01
C ASP B 116 17.08 -1.53 -28.99
N THR B 117 17.14 -0.23 -28.81
CA THR B 117 16.36 0.36 -27.71
C THR B 117 14.85 0.11 -27.80
N TRP B 118 14.25 0.33 -28.97
CA TRP B 118 12.80 0.20 -29.06
C TRP B 118 12.38 -1.26 -28.92
N TYR B 119 13.09 -2.17 -29.57
CA TYR B 119 12.83 -3.59 -29.39
C TYR B 119 12.89 -3.92 -27.90
N ASN B 120 13.88 -3.35 -27.19
CA ASN B 120 14.02 -3.77 -25.79
C ASN B 120 12.93 -3.19 -24.93
N LEU B 121 12.38 -2.06 -25.29
CA LEU B 121 11.28 -1.48 -24.53
C LEU B 121 9.93 -2.08 -24.83
N THR B 122 9.81 -2.75 -25.97
CA THR B 122 8.52 -3.21 -26.44
C THR B 122 8.48 -4.71 -26.70
N GLU B 123 9.44 -5.45 -26.16
CA GLU B 123 9.64 -6.85 -26.51
C GLU B 123 8.40 -7.70 -26.34
N PHE B 124 7.66 -7.52 -25.26
CA PHE B 124 6.43 -8.24 -24.98
C PHE B 124 5.16 -7.45 -25.24
N VAL B 125 5.23 -6.27 -25.82
CA VAL B 125 4.00 -5.52 -26.07
C VAL B 125 3.41 -5.96 -27.40
N GLN B 126 2.10 -6.20 -27.42
N GLN B 126 2.12 -6.28 -27.41
CA GLN B 126 1.38 -6.67 -28.61
CA GLN B 126 1.39 -6.69 -28.59
C GLN B 126 0.11 -5.87 -28.80
C GLN B 126 0.17 -5.81 -28.79
N MET B 127 -0.18 -5.50 -30.06
CA MET B 127 -1.32 -4.62 -30.34
C MET B 127 -2.62 -5.20 -29.82
N ASP B 128 -2.78 -6.53 -29.91
CA ASP B 128 -4.02 -7.13 -29.46
C ASP B 128 -4.24 -6.89 -27.97
N LYS B 129 -3.17 -6.92 -27.18
CA LYS B 129 -3.38 -6.70 -25.74
C LYS B 129 -3.59 -5.22 -25.45
N ILE B 130 -2.85 -4.35 -26.15
CA ILE B 130 -3.12 -2.90 -26.05
C ILE B 130 -4.61 -2.62 -26.24
N ARG B 131 -5.24 -3.23 -27.26
CA ARG B 131 -6.63 -2.90 -27.57
C ARG B 131 -7.61 -3.42 -26.53
N LYS B 132 -7.19 -4.39 -25.71
CA LYS B 132 -8.03 -4.78 -24.57
C LYS B 132 -7.90 -3.82 -23.39
N ILE B 133 -6.74 -3.19 -23.21
CA ILE B 133 -6.54 -2.18 -22.17
C ILE B 133 -7.22 -0.86 -22.56
N VAL B 134 -7.18 -0.53 -23.85
CA VAL B 134 -7.75 0.71 -24.37
C VAL B 134 -8.93 0.33 -25.25
N ARG B 135 -10.15 0.48 -24.75
CA ARG B 135 -11.31 -0.08 -25.43
C ARG B 135 -11.90 0.91 -26.42
N LYS B 136 -11.68 0.66 -27.71
CA LYS B 136 -12.31 1.41 -28.79
C LYS B 136 -12.30 0.55 -30.04
N ASP B 137 -13.25 -0.38 -30.12
CA ASP B 137 -13.09 -1.55 -30.97
C ASP B 137 -13.15 -1.23 -32.45
N GLU B 138 -13.78 -0.13 -32.85
CA GLU B 138 -13.91 0.17 -34.27
C GLU B 138 -12.59 0.58 -34.92
N ASN B 139 -11.57 0.91 -34.14
CA ASN B 139 -10.27 1.26 -34.69
C ASN B 139 -9.21 0.20 -34.37
N GLN B 140 -8.23 0.09 -35.26
CA GLN B 140 -7.11 -0.85 -35.12
C GLN B 140 -5.93 -0.28 -34.36
N PHE B 141 -5.96 1.03 -34.06
CA PHE B 141 -4.96 1.79 -33.34
C PHE B 141 -5.61 2.29 -32.06
N SER B 142 -4.78 2.65 -31.10
CA SER B 142 -5.29 3.08 -29.81
C SER B 142 -4.80 4.48 -29.40
N TYR B 143 -5.77 5.25 -28.93
CA TYR B 143 -5.58 6.62 -28.45
C TYR B 143 -5.36 6.62 -26.96
N VAL B 144 -4.34 7.36 -26.53
CA VAL B 144 -3.98 7.54 -25.12
C VAL B 144 -3.62 9.01 -24.97
N ASP B 145 -3.95 9.57 -23.80
CA ASP B 145 -3.47 10.91 -23.40
C ASP B 145 -3.19 11.03 -21.90
N SER B 146 -2.67 12.20 -21.51
CA SER B 146 -2.16 12.44 -20.16
C SER B 146 -3.22 12.24 -19.09
N SER B 147 -4.45 12.51 -19.42
CA SER B 147 -5.47 12.65 -18.41
C SER B 147 -6.28 11.38 -18.21
N MET B 148 -6.12 10.37 -19.06
CA MET B 148 -6.96 9.17 -18.93
C MET B 148 -6.68 8.45 -17.61
N THR B 149 -7.75 8.13 -16.92
CA THR B 149 -7.66 7.45 -15.63
C THR B 149 -7.78 5.95 -15.84
N THR B 150 -7.36 5.19 -14.85
CA THR B 150 -7.40 3.74 -14.93
C THR B 150 -8.68 3.20 -14.28
N VAL B 151 -9.01 1.93 -14.60
CA VAL B 151 -10.16 1.28 -13.97
C VAL B 151 -10.06 1.37 -12.45
N GLN B 152 -8.89 1.03 -11.90
CA GLN B 152 -8.70 1.11 -10.45
C GLN B 152 -8.79 2.55 -9.95
N GLU B 153 -8.36 3.53 -10.75
CA GLU B 153 -8.50 4.92 -10.32
C GLU B 153 -9.97 5.33 -10.22
N ASN B 154 -10.81 4.82 -11.14
CA ASN B 154 -12.25 5.13 -11.12
C ASN B 154 -12.96 4.43 -9.97
N GLU B 155 -12.38 3.36 -9.42
CA GLU B 155 -12.92 2.72 -8.23
C GLU B 155 -12.58 3.50 -6.96
N LEU B 156 -11.57 4.36 -7.01
CA LEU B 156 -11.13 5.12 -5.85
C LEU B 156 -11.42 6.61 -6.04
N SER B 161 -14.26 9.80 -14.61
CA SER B 161 -15.24 8.80 -14.21
C SER B 161 -16.00 8.26 -15.41
N ASP B 162 -15.52 8.60 -16.61
CA ASP B 162 -16.13 8.14 -17.85
C ASP B 162 -15.52 6.79 -18.23
N PRO B 163 -16.27 5.68 -18.19
CA PRO B 163 -15.64 4.37 -18.40
C PRO B 163 -15.14 4.13 -19.83
N ALA B 164 -15.69 4.81 -20.83
CA ALA B 164 -15.30 4.55 -22.22
C ALA B 164 -13.89 5.05 -22.52
N HIS B 165 -13.37 5.96 -21.71
CA HIS B 165 -12.11 6.66 -21.94
C HIS B 165 -11.07 6.28 -20.89
N SER B 166 -11.07 5.02 -20.48
CA SER B 166 -10.24 4.61 -19.36
C SER B 166 -9.18 3.64 -19.84
N LEU B 167 -8.19 3.47 -18.98
CA LEU B 167 -7.14 2.48 -19.15
C LEU B 167 -7.46 1.26 -18.28
N ASN B 168 -7.85 0.16 -18.94
N ASN B 168 -7.80 0.16 -18.96
CA ASN B 168 -8.30 -1.05 -18.25
CA ASN B 168 -8.26 -1.09 -18.34
C ASN B 168 -7.12 -1.97 -17.92
C ASN B 168 -7.09 -1.98 -17.96
N TYR B 169 -6.23 -1.44 -17.09
CA TYR B 169 -5.12 -2.24 -16.64
C TYR B 169 -5.62 -3.28 -15.64
N THR B 170 -4.83 -4.31 -15.48
CA THR B 170 -5.20 -5.38 -14.56
C THR B 170 -5.11 -4.86 -13.14
N VAL B 171 -6.19 -4.91 -12.37
CA VAL B 171 -6.17 -4.34 -11.03
C VAL B 171 -5.32 -5.21 -10.09
N ILE B 172 -4.37 -4.57 -9.40
CA ILE B 172 -3.48 -5.19 -8.42
C ILE B 172 -3.68 -4.44 -7.11
N ASN B 173 -3.98 -5.17 -6.05
CA ASN B 173 -4.20 -4.50 -4.77
C ASN B 173 -3.79 -5.47 -3.68
N PHE B 174 -2.75 -5.09 -2.95
CA PHE B 174 -2.06 -6.02 -2.01
C PHE B 174 -2.90 -6.29 -0.77
N LYS B 175 -3.89 -5.46 -0.50
CA LYS B 175 -4.80 -5.65 0.65
C LYS B 175 -6.20 -5.86 0.10
N SER B 176 -6.37 -6.99 -0.58
CA SER B 176 -7.62 -7.39 -1.17
C SER B 176 -7.77 -8.88 -0.93
N ARG B 177 -9.03 -9.31 -0.93
CA ARG B 177 -9.29 -10.74 -0.77
C ARG B 177 -8.67 -11.55 -1.92
N GLU B 178 -8.60 -10.99 -3.13
CA GLU B 178 -7.93 -11.73 -4.18
C GLU B 178 -6.50 -12.05 -3.80
N ALA B 179 -5.85 -11.14 -3.11
CA ALA B 179 -4.41 -11.23 -2.83
C ALA B 179 -4.09 -12.09 -1.63
N ILE B 180 -5.08 -12.36 -0.78
CA ILE B 180 -4.87 -12.90 0.55
C ILE B 180 -5.78 -14.11 0.74
N ARG B 181 -5.19 -15.26 0.95
CA ARG B 181 -5.93 -16.49 1.19
C ARG B 181 -6.42 -16.51 2.64
N PRO B 182 -7.68 -16.85 2.87
CA PRO B 182 -8.15 -17.03 4.24
C PRO B 182 -7.23 -17.98 4.99
N GLY B 183 -6.80 -17.56 6.16
CA GLY B 183 -5.96 -18.40 6.98
C GLY B 183 -4.50 -18.38 6.62
N HIS B 184 -4.12 -17.59 5.59
CA HIS B 184 -2.73 -17.38 5.21
C HIS B 184 -2.38 -15.90 5.21
N GLU B 185 -3.09 -15.11 6.03
CA GLU B 185 -2.99 -13.65 5.98
C GLU B 185 -1.55 -13.15 6.06
N MET B 186 -0.85 -13.54 7.12
CA MET B 186 0.52 -13.10 7.31
C MET B 186 1.41 -13.69 6.24
N GLU B 187 1.21 -14.96 5.91
CA GLU B 187 2.10 -15.54 4.91
C GLU B 187 1.94 -14.82 3.56
N ASP B 188 0.69 -14.61 3.14
CA ASP B 188 0.45 -14.04 1.81
C ASP B 188 0.71 -12.53 1.75
N PHE B 189 0.63 -11.82 2.88
CA PHE B 189 0.93 -10.40 2.81
C PHE B 189 2.42 -10.12 2.79
N LEU B 190 3.20 -10.91 3.52
CA LEU B 190 4.65 -10.74 3.58
C LEU B 190 5.41 -11.41 2.44
N ASP B 191 4.78 -12.39 1.77
CA ASP B 191 5.37 -13.10 0.64
C ASP B 191 4.32 -13.25 -0.47
N LYS B 192 4.41 -12.45 -1.49
CA LYS B 192 3.27 -12.39 -2.39
C LYS B 192 3.30 -13.46 -3.48
N SER B 193 4.00 -14.58 -3.27
CA SER B 193 4.15 -15.52 -4.38
C SER B 193 2.83 -16.14 -4.83
N TYR B 194 1.88 -16.37 -3.91
N TYR B 194 1.90 -16.40 -3.89
N TYR B 194 1.90 -16.38 -3.91
CA TYR B 194 0.61 -16.96 -4.35
CA TYR B 194 0.57 -16.93 -4.23
CA TYR B 194 0.61 -16.94 -4.31
C TYR B 194 -0.16 -15.99 -5.21
C TYR B 194 -0.14 -15.99 -5.20
C TYR B 194 -0.12 -15.99 -5.23
N TYR B 195 -0.16 -14.70 -4.85
CA TYR B 195 -0.84 -13.70 -5.64
C TYR B 195 -0.19 -13.61 -7.02
N LEU B 196 1.15 -13.54 -7.09
CA LEU B 196 1.87 -13.49 -8.38
C LEU B 196 1.64 -14.71 -9.25
N ASN B 197 1.98 -15.91 -8.73
CA ASN B 197 2.10 -17.09 -9.57
C ASN B 197 0.76 -17.75 -9.84
N THR B 198 -0.06 -17.94 -8.80
CA THR B 198 -1.36 -18.57 -8.99
C THR B 198 -2.43 -17.59 -9.46
N VAL B 199 -2.65 -16.47 -8.73
CA VAL B 199 -3.74 -15.59 -9.08
C VAL B 199 -3.45 -14.90 -10.42
N MET B 200 -2.29 -14.26 -10.51
CA MET B 200 -2.03 -13.36 -11.63
C MET B 200 -1.46 -14.11 -12.83
N LEU B 201 -0.34 -14.82 -12.66
CA LEU B 201 0.30 -15.46 -13.80
C LEU B 201 -0.52 -16.64 -14.34
N GLN B 202 -0.84 -17.61 -13.50
N GLN B 202 -0.84 -17.60 -13.50
CA GLN B 202 -1.64 -18.74 -13.96
CA GLN B 202 -1.64 -18.72 -13.98
C GLN B 202 -3.08 -18.31 -14.27
C GLN B 202 -3.08 -18.31 -14.27
N GLY B 203 -3.71 -17.57 -13.36
CA GLY B 203 -5.12 -17.26 -13.49
C GLY B 203 -5.51 -16.17 -14.47
N ILE B 204 -4.81 -15.05 -14.48
CA ILE B 204 -5.27 -13.89 -15.23
C ILE B 204 -4.43 -13.73 -16.50
N PHE B 205 -3.10 -13.60 -16.34
CA PHE B 205 -2.24 -13.28 -17.47
C PHE B 205 -1.94 -14.51 -18.35
N LYS B 206 -1.97 -15.71 -17.76
CA LYS B 206 -1.71 -16.98 -18.44
C LYS B 206 -0.22 -17.27 -18.60
N ASN B 207 0.59 -16.24 -18.85
CA ASN B 207 2.02 -16.44 -18.97
C ASN B 207 2.73 -15.15 -18.60
N SER B 208 4.06 -15.25 -18.45
CA SER B 208 4.83 -14.09 -18.03
C SER B 208 5.04 -13.10 -19.17
N SER B 209 4.91 -13.58 -20.41
CA SER B 209 5.03 -12.66 -21.52
C SER B 209 3.92 -11.61 -21.54
N ASN B 210 2.66 -12.01 -21.26
CA ASN B 210 1.55 -11.07 -21.19
C ASN B 210 1.70 -10.11 -20.00
N TYR B 211 2.04 -10.67 -18.84
CA TYR B 211 2.46 -9.86 -17.71
C TYR B 211 3.52 -8.86 -18.13
N PHE B 212 4.64 -9.30 -18.68
CA PHE B 212 5.66 -8.31 -19.00
C PHE B 212 5.19 -7.29 -20.04
N GLY B 213 4.25 -7.69 -20.92
CA GLY B 213 3.73 -6.73 -21.92
C GLY B 213 2.94 -5.57 -21.34
N GLU B 214 1.96 -5.86 -20.46
CA GLU B 214 1.27 -4.81 -19.71
C GLU B 214 2.24 -3.91 -18.95
N LEU B 215 3.19 -4.49 -18.18
CA LEU B 215 4.20 -3.72 -17.45
C LEU B 215 4.97 -2.75 -18.36
N GLN B 216 5.46 -3.24 -19.54
CA GLN B 216 6.14 -2.36 -20.50
C GLN B 216 5.22 -1.25 -21.09
N PHE B 217 3.93 -1.60 -21.29
CA PHE B 217 2.96 -0.68 -21.91
C PHE B 217 2.58 0.42 -20.90
N ALA B 218 2.48 0.05 -19.60
CA ALA B 218 2.26 1.06 -18.56
C ALA B 218 3.43 2.02 -18.43
N PHE B 219 4.67 1.50 -18.39
CA PHE B 219 5.82 2.38 -18.36
C PHE B 219 5.79 3.35 -19.52
N LEU B 220 5.60 2.84 -20.73
CA LEU B 220 5.67 3.74 -21.89
C LEU B 220 4.61 4.83 -21.79
N ASN B 221 3.38 4.49 -21.36
CA ASN B 221 2.35 5.51 -21.25
CA ASN B 221 2.33 5.50 -21.23
C ASN B 221 2.70 6.53 -20.17
N ALA B 222 3.26 6.06 -19.04
CA ALA B 222 3.80 6.99 -18.04
C ALA B 222 4.86 7.93 -18.62
N MET B 223 5.81 7.39 -19.35
CA MET B 223 6.90 8.22 -19.83
C MET B 223 6.44 9.14 -20.97
N PHE B 224 5.68 8.64 -21.94
CA PHE B 224 5.38 9.47 -23.10
C PHE B 224 4.23 10.42 -22.83
N PHE B 225 3.27 10.02 -22.03
CA PHE B 225 2.13 10.92 -21.77
C PHE B 225 2.11 11.49 -20.34
N GLY B 226 3.04 11.12 -19.47
CA GLY B 226 2.92 11.60 -18.08
C GLY B 226 1.66 11.12 -17.41
N ASN B 227 1.18 9.95 -17.84
CA ASN B 227 -0.07 9.40 -17.34
C ASN B 227 0.14 8.79 -15.95
N TYR B 228 -0.50 9.36 -14.94
CA TYR B 228 -0.17 9.03 -13.55
C TYR B 228 -0.57 7.60 -13.19
N GLY B 229 -1.77 7.16 -13.59
CA GLY B 229 -2.24 5.81 -13.26
C GLY B 229 -1.44 4.73 -13.95
N SER B 230 -0.90 5.04 -15.11
CA SER B 230 0.05 4.15 -15.72
C SER B 230 1.30 3.95 -14.88
N SER B 231 1.85 5.05 -14.39
CA SER B 231 3.01 4.98 -13.52
C SER B 231 2.71 4.09 -12.30
N LEU B 232 1.52 4.26 -11.74
CA LEU B 232 1.11 3.48 -10.58
C LEU B 232 1.09 2.01 -10.94
N GLN B 233 0.60 1.68 -12.16
CA GLN B 233 0.47 0.30 -12.60
C GLN B 233 1.85 -0.30 -12.84
N TRP B 234 2.77 0.51 -13.41
CA TRP B 234 4.14 0.01 -13.63
C TRP B 234 4.80 -0.31 -12.29
N HIS B 235 4.68 0.59 -11.29
CA HIS B 235 5.36 0.27 -10.04
C HIS B 235 4.72 -0.93 -9.34
N ALA B 236 3.38 -1.03 -9.41
CA ALA B 236 2.67 -2.13 -8.73
C ALA B 236 3.12 -3.48 -9.26
N MET B 237 3.38 -3.57 -10.59
CA MET B 237 3.76 -4.83 -11.23
C MET B 237 5.21 -5.22 -10.93
N ILE B 238 6.09 -4.22 -10.74
CA ILE B 238 7.45 -4.44 -10.28
C ILE B 238 7.41 -4.92 -8.83
N GLU B 239 6.63 -4.24 -8.02
CA GLU B 239 6.59 -4.55 -6.58
C GLU B 239 6.06 -5.96 -6.31
N LEU B 240 5.05 -6.39 -7.08
CA LEU B 240 4.48 -7.73 -6.91
C LEU B 240 5.52 -8.82 -7.15
N ILE B 241 6.41 -8.59 -8.11
CA ILE B 241 7.48 -9.54 -8.33
C ILE B 241 8.57 -9.42 -7.27
N CYS B 242 8.98 -8.19 -6.97
CA CYS B 242 10.07 -8.00 -6.02
C CYS B 242 9.65 -8.50 -4.66
N SER B 243 8.34 -8.46 -4.37
CA SER B 243 7.85 -8.91 -3.07
C SER B 243 7.42 -10.38 -2.99
N SER B 244 7.73 -11.18 -3.99
CA SER B 244 7.42 -12.61 -3.98
C SER B 244 8.73 -13.38 -3.77
N ALA B 245 8.75 -14.30 -2.78
CA ALA B 245 9.96 -15.06 -2.54
C ALA B 245 10.22 -16.07 -3.64
N THR B 246 9.18 -16.55 -4.31
CA THR B 246 9.31 -17.61 -5.32
C THR B 246 8.90 -17.04 -6.67
N VAL B 247 9.88 -16.87 -7.54
CA VAL B 247 9.67 -16.36 -8.89
C VAL B 247 10.52 -17.22 -9.81
N PRO B 248 10.00 -17.67 -10.94
CA PRO B 248 10.83 -18.41 -11.90
C PRO B 248 12.08 -17.63 -12.26
N LYS B 249 13.21 -18.33 -12.33
CA LYS B 249 14.49 -17.68 -12.56
C LYS B 249 14.54 -16.94 -13.90
N HIS B 250 13.85 -17.48 -14.91
CA HIS B 250 13.81 -16.83 -16.22
C HIS B 250 13.06 -15.51 -16.14
N MET B 251 12.09 -15.44 -15.22
CA MET B 251 11.31 -14.21 -15.10
C MET B 251 12.14 -13.13 -14.45
N LEU B 252 12.95 -13.48 -13.43
CA LEU B 252 13.84 -12.49 -12.82
C LEU B 252 14.86 -11.99 -13.82
N ASP B 253 15.45 -12.90 -14.56
CA ASP B 253 16.43 -12.46 -15.53
C ASP B 253 15.81 -11.47 -16.53
N LYS B 254 14.61 -11.73 -17.00
CA LYS B 254 14.06 -10.81 -18.00
C LYS B 254 13.61 -9.49 -17.39
N LEU B 255 13.01 -9.55 -16.21
CA LEU B 255 12.71 -8.34 -15.45
C LEU B 255 13.92 -7.43 -15.34
N ASP B 256 15.04 -7.95 -14.87
CA ASP B 256 16.24 -7.12 -14.80
C ASP B 256 16.59 -6.44 -16.13
N GLU B 257 16.56 -7.20 -17.24
CA GLU B 257 16.78 -6.59 -18.56
C GLU B 257 15.70 -5.52 -18.85
N ILE B 258 14.44 -5.83 -18.57
CA ILE B 258 13.36 -4.93 -18.92
C ILE B 258 13.53 -3.58 -18.22
N LEU B 259 13.75 -3.60 -16.92
CA LEU B 259 13.82 -2.37 -16.14
C LEU B 259 15.07 -1.60 -16.49
N TYR B 260 16.17 -2.36 -16.75
CA TYR B 260 17.44 -1.74 -17.12
C TYR B 260 17.24 -0.79 -18.28
N TYR B 261 16.57 -1.25 -19.36
CA TYR B 261 16.37 -0.39 -20.53
C TYR B 261 15.33 0.70 -20.27
N GLN B 262 14.37 0.45 -19.39
CA GLN B 262 13.43 1.49 -19.01
C GLN B 262 14.17 2.60 -18.30
N ILE B 263 14.98 2.25 -17.29
CA ILE B 263 15.77 3.21 -16.54
C ILE B 263 16.77 3.93 -17.47
N LYS B 264 17.38 3.22 -18.39
CA LYS B 264 18.29 3.90 -19.31
C LYS B 264 17.60 4.96 -20.15
N THR B 265 16.36 4.71 -20.55
CA THR B 265 15.69 5.56 -21.51
C THR B 265 15.03 6.75 -20.84
N LEU B 266 14.69 6.62 -19.56
CA LEU B 266 13.96 7.68 -18.86
C LEU B 266 14.71 9.01 -18.97
N PRO B 267 14.07 10.11 -19.40
CA PRO B 267 14.73 11.41 -19.31
C PRO B 267 15.22 11.67 -17.90
N GLU B 268 16.46 12.15 -17.80
CA GLU B 268 17.05 12.40 -16.48
C GLU B 268 16.21 13.41 -15.69
N GLN B 269 15.67 14.42 -16.38
CA GLN B 269 14.95 15.48 -15.72
C GLN B 269 13.53 15.09 -15.33
N TYR B 270 13.06 13.91 -15.69
CA TYR B 270 11.73 13.45 -15.31
C TYR B 270 11.80 12.43 -14.20
N SER B 271 12.99 12.09 -13.71
CA SER B 271 13.12 11.04 -12.72
C SER B 271 12.35 11.35 -11.45
N ASP B 272 12.23 12.63 -11.09
CA ASP B 272 11.60 13.00 -9.82
C ASP B 272 10.10 12.71 -9.78
N ILE B 273 9.45 12.64 -10.94
CA ILE B 273 8.02 12.39 -10.99
C ILE B 273 7.67 11.00 -11.51
N LEU B 274 8.57 10.32 -12.22
CA LEU B 274 8.27 9.01 -12.78
C LEU B 274 8.81 7.86 -11.92
N LEU B 275 9.59 8.12 -10.91
CA LEU B 275 10.14 7.05 -10.08
C LEU B 275 9.70 7.20 -8.63
N ASN B 276 9.19 6.10 -8.08
CA ASN B 276 8.66 6.06 -6.72
C ASN B 276 9.73 5.59 -5.76
N GLU B 277 10.28 6.54 -4.99
CA GLU B 277 11.35 6.25 -4.03
C GLU B 277 11.09 5.00 -3.22
N ARG B 278 9.90 4.91 -2.62
CA ARG B 278 9.61 3.79 -1.72
C ARG B 278 9.72 2.47 -2.46
N VAL B 279 9.07 2.36 -3.61
CA VAL B 279 9.04 1.09 -4.32
C VAL B 279 10.46 0.69 -4.71
N TRP B 280 11.28 1.64 -5.19
CA TRP B 280 12.59 1.28 -5.75
C TRP B 280 13.56 0.92 -4.63
N ASN B 281 13.55 1.71 -3.56
CA ASN B 281 14.41 1.37 -2.42
C ASN B 281 14.01 0.03 -1.83
N ILE B 282 12.71 -0.22 -1.71
CA ILE B 282 12.24 -1.52 -1.23
C ILE B 282 12.71 -2.62 -2.17
N CYS B 283 12.47 -2.42 -3.47
CA CYS B 283 12.75 -3.48 -4.44
C CYS B 283 14.23 -3.79 -4.49
N LEU B 284 15.09 -2.78 -4.45
CA LEU B 284 16.50 -3.05 -4.66
C LEU B 284 17.22 -3.46 -3.38
N TYR B 285 16.71 -3.05 -2.23
CA TYR B 285 17.47 -3.12 -1.00
C TYR B 285 16.80 -3.92 0.13
N SER B 286 15.48 -4.12 0.08
CA SER B 286 14.79 -4.82 1.16
C SER B 286 14.09 -6.11 0.79
N SER B 287 13.70 -6.28 -0.46
CA SER B 287 12.79 -7.32 -0.91
C SER B 287 13.51 -8.65 -1.09
N PHE B 288 12.69 -9.68 -1.37
CA PHE B 288 13.24 -11.01 -1.58
C PHE B 288 14.21 -10.98 -2.74
N GLN B 289 13.91 -10.13 -3.72
CA GLN B 289 14.67 -10.06 -4.96
C GLN B 289 15.73 -8.95 -4.95
N LYS B 290 16.11 -8.45 -3.76
CA LYS B 290 17.12 -7.41 -3.60
C LYS B 290 18.44 -7.76 -4.26
N ASN B 291 18.74 -9.04 -4.48
CA ASN B 291 20.03 -9.42 -5.04
C ASN B 291 19.90 -10.04 -6.41
N SER B 292 18.75 -9.91 -7.06
CA SER B 292 18.49 -10.59 -8.31
C SER B 292 18.41 -9.65 -9.51
N LEU B 293 18.62 -8.36 -9.31
CA LEU B 293 18.44 -7.35 -10.37
C LEU B 293 19.76 -6.58 -10.53
N HIS B 294 20.74 -7.30 -11.03
CA HIS B 294 22.08 -6.78 -10.98
C HIS B 294 22.22 -5.61 -11.90
N ASN B 295 21.69 -5.73 -13.12
CA ASN B 295 21.88 -4.66 -14.11
C ASN B 295 21.05 -3.45 -13.72
N THR B 296 19.84 -3.69 -13.26
CA THR B 296 18.98 -2.58 -12.87
C THR B 296 19.54 -1.83 -11.68
N GLU B 297 19.99 -2.53 -10.63
CA GLU B 297 20.55 -1.81 -9.48
C GLU B 297 21.82 -1.02 -9.87
N LYS B 298 22.63 -1.54 -10.81
CA LYS B 298 23.85 -0.81 -11.14
C LYS B 298 23.55 0.46 -11.88
N ILE B 299 22.61 0.38 -12.83
CA ILE B 299 22.27 1.58 -13.57
C ILE B 299 21.55 2.56 -12.63
N MET B 300 20.68 2.10 -11.74
CA MET B 300 19.98 3.02 -10.84
C MET B 300 20.92 3.79 -9.91
N GLU B 301 21.88 3.07 -9.30
CA GLU B 301 22.88 3.69 -8.46
C GLU B 301 23.79 4.65 -9.23
N ASN B 302 24.09 4.42 -10.50
CA ASN B 302 25.00 5.34 -11.19
C ASN B 302 24.29 6.52 -11.83
N LYS B 303 23.00 6.42 -12.08
CA LYS B 303 22.23 7.48 -12.74
C LYS B 303 21.35 8.25 -11.79
N TYR B 304 20.73 7.59 -10.82
CA TYR B 304 19.84 8.27 -9.87
C TYR B 304 20.16 7.89 -8.42
N PRO B 305 21.41 8.07 -7.99
CA PRO B 305 21.75 7.76 -6.58
C PRO B 305 21.00 8.65 -5.60
N GLU B 306 20.48 9.79 -6.06
CA GLU B 306 19.73 10.66 -5.16
C GLU B 306 18.48 9.97 -4.65
N LEU B 307 17.72 9.35 -5.55
CA LEU B 307 16.52 8.62 -5.16
C LEU B 307 16.80 7.55 -4.11
N LEU B 308 18.02 7.03 -4.05
CA LEU B 308 18.32 5.91 -3.18
C LEU B 308 19.20 6.39 -2.02
N1 WBX C . -6.17 11.02 -47.28
C7 WBX C . -4.94 10.24 -46.97
C8 WBX C . -2.81 9.89 -46.84
N2 WBX C . -3.75 10.83 -46.81
C9 WBX C . -3.24 8.61 -46.97
O1 WBX C . -10.63 10.49 -49.44
C1 WBX C . -11.07 11.27 -48.65
C5 WBX C . -7.06 10.35 -48.22
C6 WBX C . -8.15 11.25 -48.74
C4 WBX C . -6.81 11.91 -46.32
C3 WBX C . -8.02 12.64 -46.87
C2 WBX C . -10.24 12.27 -47.88
O WBX C . -12.35 11.37 -48.33
C WBX C . -13.30 10.51 -48.96
N WBX C . -8.90 11.63 -47.52
S WBX C . -4.88 8.53 -47.09
#